data_8AGY
#
_entry.id   8AGY
#
_cell.length_a   42.964
_cell.length_b   67.116
_cell.length_c   75.553
_cell.angle_alpha   90.000
_cell.angle_beta   93.330
_cell.angle_gamma   90.000
#
_symmetry.space_group_name_H-M   'P 1 21 1'
#
loop_
_entity.id
_entity.type
_entity.pdbx_description
1 polymer 'Corramycin phosphotransferase'
2 polymer Corramycin
3 non-polymer GLYCEROL
4 water water
#
loop_
_entity_poly.entity_id
_entity_poly.type
_entity_poly.pdbx_seq_one_letter_code
_entity_poly.pdbx_strand_id
1 'polypeptide(L)'
;GGMGNNSRASNPVPLEDQIGALLGEHPRQIVPLHAGRRAQVLRCHFQDGHSVIVKSFTEVAETTRGEWDALRFLAAHVPA
IAPRPLARSKDRRLVAMEDLRGETLARLLERESEAGARRPLVRIADALGHLHGAQAPRVDGLPRALRDEYRKQADECVAL
RGKVRALLGRAGVEPTPGFDGAWLELVERMGSPGPFLTFTHGDLAPSNVLLTDDGPRLLDFEYTGARSALYDVMFWEAVV
PFPRSLARPMTQAYRRALASHLPAARDDARFRRELLTLKTHRFFWWLTFRLDEALAGGDAHWVPGWRLRPAYLFYLQNYV
STARRLGARGPLLKTAQALSSRLRRGWKERAGYPDHFLGKLKPPGP
;
A
2 'polypeptide(L)' (OGU)(OGC)(OIB)(MEA)G(HVA)S(HVA)LS B
#
# COMPACT_ATOMS: atom_id res chain seq x y z
N VAL A 13 14.91 -14.44 -30.04
CA VAL A 13 14.58 -13.13 -30.60
C VAL A 13 14.99 -12.03 -29.62
N PRO A 14 15.86 -11.13 -30.07
CA PRO A 14 16.25 -9.98 -29.23
C PRO A 14 15.05 -9.26 -28.65
N LEU A 15 15.20 -8.75 -27.42
CA LEU A 15 14.11 -8.03 -26.76
C LEU A 15 13.60 -6.86 -27.60
N GLU A 16 14.52 -6.12 -28.23
CA GLU A 16 14.10 -4.98 -29.05
C GLU A 16 13.18 -5.41 -30.17
N ASP A 17 13.46 -6.56 -30.79
CA ASP A 17 12.61 -7.05 -31.86
C ASP A 17 11.28 -7.56 -31.33
N GLN A 18 11.30 -8.20 -30.16
CA GLN A 18 10.06 -8.63 -29.51
C GLN A 18 9.15 -7.44 -29.23
N ILE A 19 9.73 -6.33 -28.79
CA ILE A 19 8.94 -5.14 -28.48
C ILE A 19 8.39 -4.54 -29.76
N GLY A 20 9.23 -4.45 -30.80
CA GLY A 20 8.77 -3.97 -32.09
C GLY A 20 7.61 -4.79 -32.63
N ALA A 21 7.70 -6.12 -32.52
CA ALA A 21 6.58 -6.96 -32.96
C ALA A 21 5.33 -6.69 -32.12
N LEU A 22 5.50 -6.55 -30.80
CA LEU A 22 4.37 -6.30 -29.91
C LEU A 22 3.64 -5.02 -30.28
N LEU A 23 4.39 -3.95 -30.52
CA LEU A 23 3.78 -2.65 -30.76
C LEU A 23 3.42 -2.41 -32.22
N GLY A 24 3.94 -3.23 -33.14
CA GLY A 24 3.69 -3.02 -34.56
C GLY A 24 4.57 -1.98 -35.19
N GLU A 25 5.55 -1.47 -34.44
CA GLU A 25 6.49 -0.48 -34.94
C GLU A 25 7.69 -0.49 -33.99
N HIS A 26 8.85 -0.15 -34.55
CA HIS A 26 10.09 -0.21 -33.78
C HIS A 26 10.32 1.10 -33.05
N PRO A 27 10.51 1.08 -31.74
CA PRO A 27 10.90 2.31 -31.04
C PRO A 27 12.29 2.75 -31.47
N ARG A 28 12.52 4.06 -31.43
CA ARG A 28 13.85 4.56 -31.75
C ARG A 28 14.81 4.32 -30.58
N GLN A 29 14.29 4.24 -29.37
CA GLN A 29 15.11 4.14 -28.17
C GLN A 29 14.34 3.38 -27.10
N ILE A 30 14.99 2.42 -26.47
CA ILE A 30 14.43 1.68 -25.34
C ILE A 30 15.32 1.96 -24.14
N VAL A 31 14.75 2.61 -23.12
CA VAL A 31 15.48 3.13 -21.97
C VAL A 31 15.02 2.35 -20.73
N PRO A 32 15.89 1.55 -20.11
CA PRO A 32 15.50 0.87 -18.86
C PRO A 32 15.26 1.87 -17.74
N LEU A 33 14.15 1.70 -17.03
CA LEU A 33 13.79 2.58 -15.92
C LEU A 33 14.01 1.94 -14.57
N HIS A 34 13.36 0.80 -14.31
CA HIS A 34 13.44 0.16 -13.00
C HIS A 34 13.63 -1.33 -13.20
N ALA A 35 14.55 -1.92 -12.45
CA ALA A 35 14.73 -3.37 -12.43
C ALA A 35 14.10 -3.88 -11.16
N GLY A 36 12.95 -4.55 -11.28
CA GLY A 36 12.31 -5.19 -10.16
C GLY A 36 12.69 -6.67 -10.06
N ARG A 37 12.27 -7.29 -8.95
CA ARG A 37 12.54 -8.71 -8.76
C ARG A 37 11.89 -9.55 -9.85
N ARG A 38 10.75 -9.12 -10.37
CA ARG A 38 10.00 -9.92 -11.33
C ARG A 38 9.99 -9.34 -12.73
N ALA A 39 10.16 -8.03 -12.88
CA ALA A 39 10.01 -7.39 -14.18
C ALA A 39 10.99 -6.24 -14.33
N GLN A 40 11.45 -6.04 -15.56
CA GLN A 40 12.16 -4.84 -15.96
C GLN A 40 11.14 -3.88 -16.56
N VAL A 41 11.18 -2.61 -16.13
CA VAL A 41 10.34 -1.56 -16.71
C VAL A 41 11.18 -0.79 -17.72
N LEU A 42 10.62 -0.60 -18.91
CA LEU A 42 11.31 0.08 -20.00
C LEU A 42 10.43 1.21 -20.51
N ARG A 43 11.05 2.36 -20.76
CA ARG A 43 10.42 3.43 -21.53
C ARG A 43 10.84 3.29 -23.00
N CYS A 44 9.86 3.09 -23.87
CA CYS A 44 10.11 2.92 -25.29
C CYS A 44 9.69 4.20 -26.02
N HIS A 45 10.67 4.85 -26.66
CA HIS A 45 10.45 6.08 -27.41
C HIS A 45 10.27 5.76 -28.89
N PHE A 46 9.20 6.28 -29.47
CA PHE A 46 8.99 6.22 -30.91
C PHE A 46 9.78 7.33 -31.60
N GLN A 47 10.04 7.14 -32.90
CA GLN A 47 10.82 8.12 -33.66
C GLN A 47 10.28 9.54 -33.51
N ASP A 48 8.97 9.67 -33.30
CA ASP A 48 8.33 10.97 -33.23
C ASP A 48 8.36 11.61 -31.84
N GLY A 49 8.84 10.89 -30.82
CA GLY A 49 8.93 11.40 -29.46
C GLY A 49 7.95 10.76 -28.50
N HIS A 50 6.80 10.32 -29.02
CA HIS A 50 5.82 9.62 -28.19
C HIS A 50 6.46 8.42 -27.51
N SER A 51 5.94 8.07 -26.33
CA SER A 51 6.53 6.98 -25.57
C SER A 51 5.44 6.10 -24.96
N VAL A 52 5.81 4.85 -24.70
CA VAL A 52 4.99 3.90 -23.95
C VAL A 52 5.89 3.23 -22.91
N ILE A 53 5.26 2.59 -21.93
CA ILE A 53 5.94 1.76 -20.95
C ILE A 53 5.77 0.30 -21.35
N VAL A 54 6.87 -0.45 -21.38
CA VAL A 54 6.82 -1.89 -21.55
C VAL A 54 7.42 -2.53 -20.30
N LYS A 55 6.72 -3.52 -19.76
CA LYS A 55 7.26 -4.33 -18.67
C LYS A 55 7.61 -5.71 -19.21
N SER A 56 8.80 -6.17 -18.89
CA SER A 56 9.37 -7.41 -19.41
C SER A 56 9.60 -8.36 -18.23
N PHE A 57 8.92 -9.49 -18.27
CA PHE A 57 8.97 -10.47 -17.20
C PHE A 57 9.89 -11.62 -17.58
N THR A 58 10.73 -12.04 -16.63
CA THR A 58 11.63 -13.16 -16.87
C THR A 58 11.68 -14.13 -15.69
N ARG A 65 0.74 -11.74 -11.06
CA ARG A 65 0.74 -11.32 -12.46
C ARG A 65 -0.64 -10.85 -12.89
N GLY A 66 -1.09 -9.75 -12.31
CA GLY A 66 -2.42 -9.25 -12.61
C GLY A 66 -2.51 -7.78 -12.95
N GLU A 67 -1.39 -7.09 -13.20
CA GLU A 67 -1.46 -5.71 -13.67
C GLU A 67 -2.26 -5.61 -14.97
N TRP A 68 -1.99 -6.48 -15.94
CA TRP A 68 -2.71 -6.41 -17.20
C TRP A 68 -4.22 -6.48 -16.97
N ASP A 69 -4.66 -7.45 -16.17
CA ASP A 69 -6.09 -7.59 -15.91
C ASP A 69 -6.63 -6.38 -15.16
N ALA A 70 -5.84 -5.81 -14.26
CA ALA A 70 -6.28 -4.60 -13.56
C ALA A 70 -6.46 -3.43 -14.52
N LEU A 71 -5.49 -3.24 -15.43
CA LEU A 71 -5.60 -2.14 -16.38
C LEU A 71 -6.80 -2.32 -17.30
N ARG A 72 -7.06 -3.56 -17.73
CA ARG A 72 -8.26 -3.81 -18.53
C ARG A 72 -9.51 -3.49 -17.72
N PHE A 73 -9.53 -3.92 -16.46
CA PHE A 73 -10.69 -3.73 -15.61
C PHE A 73 -11.01 -2.27 -15.38
N LEU A 74 -9.98 -1.44 -15.29
CA LEU A 74 -10.13 -0.01 -15.00
C LEU A 74 -10.29 0.84 -16.25
N ALA A 75 -10.29 0.25 -17.45
CA ALA A 75 -10.27 1.07 -18.66
C ALA A 75 -11.52 1.92 -18.84
N ALA A 76 -12.62 1.62 -18.17
CA ALA A 76 -13.80 2.47 -18.25
C ALA A 76 -14.03 3.27 -16.99
N HIS A 77 -13.15 3.15 -15.99
CA HIS A 77 -13.32 3.94 -14.79
C HIS A 77 -13.02 5.40 -15.06
N VAL A 78 -13.93 6.26 -14.64
CA VAL A 78 -13.77 7.71 -14.82
C VAL A 78 -13.92 8.41 -13.48
N PRO A 79 -13.18 9.50 -13.24
CA PRO A 79 -12.10 10.03 -14.08
C PRO A 79 -10.95 9.02 -14.16
N ALA A 80 -10.25 8.98 -15.30
CA ALA A 80 -9.16 8.04 -15.51
C ALA A 80 -8.18 8.07 -14.35
N ILE A 81 -7.76 6.89 -13.90
CA ILE A 81 -6.89 6.82 -12.74
C ILE A 81 -5.65 5.98 -12.99
N ALA A 82 -5.61 5.26 -14.11
CA ALA A 82 -4.56 4.28 -14.36
C ALA A 82 -4.13 4.34 -15.83
N PRO A 83 -2.92 3.84 -16.15
CA PRO A 83 -2.55 3.71 -17.57
C PRO A 83 -3.51 2.80 -18.32
N ARG A 84 -3.81 3.18 -19.56
CA ARG A 84 -4.58 2.27 -20.40
C ARG A 84 -3.69 1.15 -20.90
N PRO A 85 -4.23 -0.06 -21.00
CA PRO A 85 -3.45 -1.20 -21.51
C PRO A 85 -3.33 -1.12 -23.02
N LEU A 86 -2.12 -1.39 -23.53
CA LEU A 86 -1.90 -1.21 -24.97
C LEU A 86 -1.70 -2.52 -25.70
N ALA A 87 -0.94 -3.47 -25.13
CA ALA A 87 -0.69 -4.74 -25.80
C ALA A 87 -0.04 -5.69 -24.81
N ARG A 88 -0.27 -6.99 -25.02
CA ARG A 88 0.40 -8.03 -24.24
C ARG A 88 0.80 -9.16 -25.18
N SER A 89 2.02 -9.65 -25.04
CA SER A 89 2.49 -10.69 -25.95
C SER A 89 1.77 -12.00 -25.67
N LYS A 90 1.87 -12.92 -26.64
CA LYS A 90 1.14 -14.18 -26.52
C LYS A 90 1.58 -14.97 -25.30
N ASP A 91 2.88 -14.99 -25.00
CA ASP A 91 3.36 -15.68 -23.82
C ASP A 91 3.28 -14.82 -22.56
N ARG A 92 2.68 -13.64 -22.67
CA ARG A 92 2.40 -12.71 -21.57
C ARG A 92 3.66 -12.20 -20.88
N ARG A 93 4.83 -12.40 -21.48
CA ARG A 93 6.06 -11.89 -20.86
C ARG A 93 6.31 -10.41 -21.14
N LEU A 94 5.64 -9.82 -22.13
CA LEU A 94 5.77 -8.39 -22.41
C LEU A 94 4.40 -7.74 -22.30
N VAL A 95 4.32 -6.64 -21.55
CA VAL A 95 3.08 -5.90 -21.35
C VAL A 95 3.38 -4.44 -21.67
N ALA A 96 2.61 -3.85 -22.58
CA ALA A 96 2.74 -2.44 -22.91
C ALA A 96 1.55 -1.67 -22.37
N MET A 97 1.83 -0.48 -21.81
CA MET A 97 0.77 0.36 -21.24
C MET A 97 1.15 1.82 -21.47
N GLU A 98 0.17 2.70 -21.29
CA GLU A 98 0.42 4.11 -21.49
C GLU A 98 1.53 4.59 -20.56
N ASP A 99 2.31 5.54 -21.06
CA ASP A 99 3.38 6.18 -20.29
C ASP A 99 2.82 7.48 -19.70
N LEU A 100 2.16 7.37 -18.54
CA LEU A 100 1.62 8.56 -17.90
C LEU A 100 2.73 9.37 -17.24
N ARG A 101 2.68 10.68 -17.41
CA ARG A 101 3.70 11.55 -16.86
C ARG A 101 3.08 12.48 -15.83
N GLY A 102 3.90 12.85 -14.84
CA GLY A 102 3.50 13.78 -13.81
C GLY A 102 4.58 13.82 -12.76
N GLU A 103 4.27 14.45 -11.63
CA GLU A 103 5.20 14.47 -10.52
C GLU A 103 4.89 13.30 -9.60
N THR A 104 5.88 12.46 -9.32
CA THR A 104 5.62 11.41 -8.34
C THR A 104 5.34 12.03 -6.98
N LEU A 105 4.47 11.37 -6.22
CA LEU A 105 4.25 11.81 -4.84
C LEU A 105 5.56 11.83 -4.07
N ALA A 106 6.47 10.91 -4.37
CA ALA A 106 7.78 10.90 -3.72
C ALA A 106 8.51 12.22 -3.91
N ARG A 107 8.53 12.73 -5.15
CA ARG A 107 9.20 13.99 -5.41
C ARG A 107 8.47 15.15 -4.74
N LEU A 108 7.13 15.09 -4.72
CA LEU A 108 6.38 16.16 -4.08
C LEU A 108 6.68 16.21 -2.59
N LEU A 109 6.72 15.05 -1.94
CA LEU A 109 7.00 15.02 -0.51
C LEU A 109 8.40 15.51 -0.19
N GLU A 110 9.36 15.33 -1.10
CA GLU A 110 10.71 15.81 -0.86
C GLU A 110 10.78 17.33 -0.88
N ARG A 111 9.91 18.00 -1.62
CA ARG A 111 10.06 19.44 -1.72
C ARG A 111 9.00 20.24 -0.98
N GLU A 112 7.88 19.63 -0.57
CA GLU A 112 6.81 20.42 0.03
C GLU A 112 6.93 20.51 1.55
N SER A 113 6.15 21.46 2.09
CA SER A 113 5.86 21.53 3.52
C SER A 113 4.62 20.70 3.82
N GLU A 114 4.36 20.45 5.11
CA GLU A 114 3.10 19.82 5.51
C GLU A 114 1.90 20.55 4.92
N ALA A 115 1.84 21.88 5.10
CA ALA A 115 0.71 22.63 4.60
C ALA A 115 0.62 22.54 3.08
N GLY A 116 1.76 22.57 2.39
CA GLY A 116 1.76 22.51 0.93
C GLY A 116 1.40 21.14 0.36
N ALA A 117 1.61 20.08 1.12
CA ALA A 117 1.26 18.75 0.66
C ALA A 117 -0.19 18.38 0.94
N ARG A 118 -0.90 19.15 1.76
CA ARG A 118 -2.23 18.75 2.21
C ARG A 118 -3.21 18.63 1.05
N ARG A 119 -3.25 19.63 0.15
CA ARG A 119 -4.21 19.58 -0.94
C ARG A 119 -3.96 18.43 -1.90
N PRO A 120 -2.74 18.18 -2.41
CA PRO A 120 -2.56 17.01 -3.28
C PRO A 120 -2.83 15.70 -2.58
N LEU A 121 -2.48 15.60 -1.28
CA LEU A 121 -2.73 14.36 -0.57
C LEU A 121 -4.22 14.11 -0.38
N VAL A 122 -4.98 15.17 -0.10
CA VAL A 122 -6.44 15.08 -0.02
C VAL A 122 -7.03 14.71 -1.38
N ARG A 123 -6.46 15.24 -2.46
CA ARG A 123 -6.93 14.91 -3.81
C ARG A 123 -6.68 13.43 -4.13
N ILE A 124 -5.52 12.91 -3.70
CA ILE A 124 -5.24 11.47 -3.87
C ILE A 124 -6.24 10.64 -3.07
N ALA A 125 -6.47 11.03 -1.81
CA ALA A 125 -7.39 10.27 -0.95
C ALA A 125 -8.80 10.27 -1.53
N ASP A 126 -9.25 11.42 -2.05
CA ASP A 126 -10.55 11.50 -2.68
C ASP A 126 -10.63 10.61 -3.91
N ALA A 127 -9.60 10.64 -4.76
CA ALA A 127 -9.61 9.81 -5.97
C ALA A 127 -9.68 8.35 -5.60
N LEU A 128 -8.96 7.94 -4.55
CA LEU A 128 -8.97 6.54 -4.14
C LEU A 128 -10.33 6.14 -3.57
N GLY A 129 -10.99 7.02 -2.84
CA GLY A 129 -12.33 6.70 -2.34
C GLY A 129 -13.31 6.51 -3.48
N HIS A 130 -13.20 7.34 -4.52
CA HIS A 130 -14.07 7.17 -5.68
CA HIS A 130 -14.05 7.19 -5.70
C HIS A 130 -13.75 5.89 -6.44
N LEU A 131 -12.45 5.53 -6.53
CA LEU A 131 -12.10 4.26 -7.16
C LEU A 131 -12.75 3.09 -6.42
N HIS A 132 -12.53 3.02 -5.11
CA HIS A 132 -13.09 1.92 -4.33
C HIS A 132 -14.61 1.90 -4.39
N GLY A 133 -15.24 3.07 -4.30
CA GLY A 133 -16.68 3.11 -4.27
C GLY A 133 -17.30 2.75 -5.60
N ALA A 134 -16.76 3.31 -6.69
CA ALA A 134 -17.29 3.02 -8.02
C ALA A 134 -17.10 1.58 -8.41
N GLN A 135 -16.00 0.95 -7.96
CA GLN A 135 -15.71 -0.40 -8.42
C GLN A 135 -16.24 -1.49 -7.50
N ALA A 136 -16.75 -1.15 -6.32
CA ALA A 136 -17.29 -2.19 -5.43
C ALA A 136 -18.41 -3.01 -6.08
N PRO A 137 -19.37 -2.43 -6.82
CA PRO A 137 -20.38 -3.27 -7.48
C PRO A 137 -19.83 -4.09 -8.63
N ARG A 138 -18.61 -3.81 -9.09
CA ARG A 138 -18.02 -4.44 -10.26
C ARG A 138 -16.99 -5.50 -9.92
N VAL A 139 -16.75 -5.74 -8.63
CA VAL A 139 -15.56 -6.48 -8.22
C VAL A 139 -15.62 -7.94 -8.72
N ASP A 140 -16.82 -8.49 -8.92
CA ASP A 140 -16.92 -9.85 -9.46
C ASP A 140 -16.41 -9.96 -10.89
N GLY A 141 -16.15 -8.84 -11.56
CA GLY A 141 -15.61 -8.92 -12.91
C GLY A 141 -14.12 -9.12 -12.98
N LEU A 142 -13.43 -9.11 -11.84
CA LEU A 142 -12.03 -9.44 -11.81
C LEU A 142 -11.83 -10.94 -12.05
N PRO A 143 -10.67 -11.35 -12.54
CA PRO A 143 -10.38 -12.77 -12.67
C PRO A 143 -10.45 -13.46 -11.32
N ARG A 144 -10.66 -14.77 -11.33
CA ARG A 144 -10.92 -15.48 -10.08
C ARG A 144 -9.77 -15.37 -9.10
N ALA A 145 -8.52 -15.46 -9.59
CA ALA A 145 -7.37 -15.37 -8.68
C ALA A 145 -7.35 -14.07 -7.93
N LEU A 146 -7.79 -12.98 -8.59
CA LEU A 146 -7.82 -11.68 -7.94
C LEU A 146 -9.05 -11.51 -7.06
N ARG A 147 -10.20 -12.03 -7.48
CA ARG A 147 -11.40 -12.00 -6.64
C ARG A 147 -11.14 -12.67 -5.29
N ASP A 148 -10.29 -13.68 -5.26
CA ASP A 148 -10.13 -14.48 -4.06
C ASP A 148 -9.02 -13.98 -3.16
N GLU A 149 -8.40 -12.84 -3.50
CA GLU A 149 -7.22 -12.40 -2.76
C GLU A 149 -7.49 -12.25 -1.27
N TYR A 150 -8.63 -11.62 -0.91
CA TYR A 150 -8.88 -11.42 0.53
C TYR A 150 -9.06 -12.75 1.25
N ARG A 151 -9.59 -13.76 0.56
CA ARG A 151 -9.73 -15.07 1.20
C ARG A 151 -8.37 -15.70 1.45
N LYS A 152 -7.46 -15.61 0.47
CA LYS A 152 -6.11 -16.11 0.65
C LYS A 152 -5.40 -15.40 1.79
N GLN A 153 -5.52 -14.06 1.85
CA GLN A 153 -4.84 -13.34 2.92
C GLN A 153 -5.44 -13.63 4.28
N ALA A 154 -6.76 -13.89 4.34
CA ALA A 154 -7.34 -14.27 5.63
C ALA A 154 -6.84 -15.64 6.05
N ASP A 155 -6.70 -16.57 5.10
CA ASP A 155 -6.11 -17.88 5.39
C ASP A 155 -4.73 -17.71 5.99
N GLU A 156 -3.91 -16.84 5.37
CA GLU A 156 -2.55 -16.61 5.82
C GLU A 156 -2.53 -15.90 7.16
N CYS A 157 -3.57 -15.09 7.44
CA CYS A 157 -3.69 -14.48 8.77
C CYS A 157 -3.68 -15.50 9.89
N VAL A 158 -4.25 -16.68 9.66
CA VAL A 158 -4.22 -17.71 10.70
C VAL A 158 -2.78 -18.09 11.03
N ALA A 159 -1.97 -18.36 10.00
CA ALA A 159 -0.59 -18.76 10.23
C ALA A 159 0.25 -17.62 10.77
N LEU A 160 -0.13 -16.38 10.44
CA LEU A 160 0.58 -15.22 10.94
C LEU A 160 0.60 -15.17 12.47
N ARG A 161 -0.42 -15.70 13.14
CA ARG A 161 -0.43 -15.68 14.61
C ARG A 161 0.82 -16.31 15.18
N GLY A 162 1.14 -17.53 14.75
CA GLY A 162 2.31 -18.21 15.26
C GLY A 162 3.60 -17.50 14.89
N LYS A 163 3.68 -16.93 13.69
CA LYS A 163 4.85 -16.14 13.32
C LYS A 163 5.02 -14.95 14.25
N VAL A 164 3.92 -14.26 14.55
CA VAL A 164 3.98 -13.12 15.46
C VAL A 164 4.37 -13.56 16.87
N ARG A 165 3.77 -14.65 17.37
CA ARG A 165 4.10 -15.09 18.73
C ARG A 165 5.58 -15.46 18.85
N ALA A 166 6.11 -16.16 17.85
CA ALA A 166 7.52 -16.55 17.88
C ALA A 166 8.43 -15.33 17.79
N LEU A 167 8.08 -14.38 16.92
CA LEU A 167 8.89 -13.17 16.79
C LEU A 167 8.88 -12.36 18.09
N LEU A 168 7.70 -12.18 18.68
CA LEU A 168 7.62 -11.49 19.98
C LEU A 168 8.55 -12.16 20.99
N GLY A 169 8.56 -13.48 21.02
CA GLY A 169 9.44 -14.17 21.95
C GLY A 169 10.90 -13.85 21.71
N ARG A 170 11.31 -13.80 20.44
CA ARG A 170 12.68 -13.40 20.12
C ARG A 170 12.96 -11.96 20.54
N ALA A 171 11.93 -11.11 20.55
CA ALA A 171 12.07 -9.76 21.06
C ALA A 171 12.00 -9.68 22.57
N GLY A 172 11.79 -10.80 23.25
CA GLY A 172 11.78 -10.82 24.71
C GLY A 172 10.43 -10.61 25.34
N VAL A 173 9.35 -10.66 24.57
CA VAL A 173 8.03 -10.21 24.99
C VAL A 173 7.03 -11.35 24.79
N GLU A 174 6.23 -11.62 25.82
CA GLU A 174 5.19 -12.61 25.61
C GLU A 174 3.86 -11.93 25.30
N PRO A 175 3.02 -12.53 24.45
CA PRO A 175 1.69 -11.95 24.21
C PRO A 175 0.91 -11.85 25.51
N THR A 176 0.11 -10.79 25.62
CA THR A 176 -0.66 -10.59 26.83
C THR A 176 -1.83 -11.57 26.85
N PRO A 177 -2.39 -11.84 28.03
CA PRO A 177 -3.47 -12.83 28.12
C PRO A 177 -4.64 -12.49 27.21
N GLY A 178 -5.18 -13.52 26.54
CA GLY A 178 -6.27 -13.37 25.61
C GLY A 178 -5.85 -13.12 24.18
N PHE A 179 -4.55 -13.15 23.90
CA PHE A 179 -4.04 -12.82 22.56
C PHE A 179 -4.66 -13.71 21.49
N ASP A 180 -4.73 -15.02 21.74
CA ASP A 180 -5.22 -15.93 20.71
C ASP A 180 -6.70 -15.67 20.39
N GLY A 181 -7.53 -15.44 21.40
CA GLY A 181 -8.93 -15.16 21.14
C GLY A 181 -9.12 -13.87 20.37
N ALA A 182 -8.35 -12.84 20.71
CA ALA A 182 -8.38 -11.58 19.97
C ALA A 182 -7.88 -11.78 18.55
N TRP A 183 -6.90 -12.67 18.36
CA TRP A 183 -6.41 -12.93 17.01
C TRP A 183 -7.47 -13.63 16.17
N LEU A 184 -8.23 -14.53 16.79
CA LEU A 184 -9.30 -15.20 16.05
C LEU A 184 -10.32 -14.18 15.54
N GLU A 185 -10.62 -13.15 16.34
CA GLU A 185 -11.52 -12.09 15.88
C GLU A 185 -10.92 -11.30 14.74
N LEU A 186 -9.61 -11.03 14.80
CA LEU A 186 -8.94 -10.35 13.69
C LEU A 186 -9.08 -11.14 12.40
N VAL A 187 -8.84 -12.45 12.47
CA VAL A 187 -8.96 -13.30 11.28
C VAL A 187 -10.36 -13.22 10.72
N GLU A 188 -11.38 -13.33 11.59
CA GLU A 188 -12.76 -13.31 11.14
C GLU A 188 -13.12 -12.00 10.48
N ARG A 189 -12.66 -10.88 11.03
CA ARG A 189 -12.92 -9.59 10.40
C ARG A 189 -12.20 -9.48 9.06
N MET A 190 -10.98 -10.00 9.00
CA MET A 190 -10.17 -9.87 7.80
C MET A 190 -10.79 -10.71 6.68
N GLY A 191 -11.48 -11.81 7.06
CA GLY A 191 -12.16 -12.62 6.07
C GLY A 191 -13.56 -12.18 5.72
N SER A 192 -14.08 -11.10 6.31
CA SER A 192 -15.45 -10.63 6.06
CA SER A 192 -15.44 -10.64 6.05
C SER A 192 -15.45 -9.14 5.75
N PRO A 193 -14.82 -8.73 4.65
CA PRO A 193 -14.91 -7.32 4.26
C PRO A 193 -16.34 -6.88 3.96
N GLY A 194 -17.22 -7.78 3.55
CA GLY A 194 -18.62 -7.44 3.36
C GLY A 194 -18.78 -6.34 2.34
N PRO A 195 -19.49 -5.27 2.70
CA PRO A 195 -19.74 -4.20 1.73
C PRO A 195 -18.49 -3.42 1.35
N PHE A 196 -17.41 -3.55 2.12
CA PHE A 196 -16.17 -2.86 1.78
C PHE A 196 -15.35 -3.61 0.75
N LEU A 197 -15.75 -4.82 0.36
CA LEU A 197 -15.00 -5.58 -0.64
C LEU A 197 -15.00 -4.82 -1.96
N THR A 198 -13.80 -4.57 -2.50
CA THR A 198 -13.72 -3.80 -3.74
C THR A 198 -12.39 -4.09 -4.43
N PHE A 199 -12.21 -3.43 -5.59
CA PHE A 199 -10.92 -3.40 -6.26
C PHE A 199 -9.91 -2.64 -5.42
N THR A 200 -8.76 -3.26 -5.14
CA THR A 200 -7.67 -2.55 -4.46
C THR A 200 -6.38 -2.69 -5.25
N HIS A 201 -5.59 -1.62 -5.22
CA HIS A 201 -4.31 -1.59 -5.91
C HIS A 201 -3.32 -2.51 -5.22
N GLY A 202 -3.28 -2.46 -3.88
CA GLY A 202 -2.54 -3.45 -3.13
C GLY A 202 -1.12 -3.04 -2.75
N ASP A 203 -0.58 -1.96 -3.32
CA ASP A 203 0.81 -1.64 -3.05
C ASP A 203 1.08 -0.16 -3.27
N LEU A 204 0.17 0.68 -2.81
CA LEU A 204 0.32 2.12 -3.01
C LEU A 204 1.57 2.64 -2.30
N ALA A 205 2.31 3.53 -2.98
CA ALA A 205 3.56 4.02 -2.43
C ALA A 205 3.89 5.36 -3.08
N PRO A 206 4.76 6.16 -2.46
CA PRO A 206 5.07 7.46 -3.08
C PRO A 206 5.60 7.35 -4.51
N SER A 207 6.24 6.23 -4.85
CA SER A 207 6.81 6.09 -6.19
C SER A 207 5.78 5.74 -7.24
N ASN A 208 4.59 5.28 -6.87
CA ASN A 208 3.64 4.84 -7.89
C ASN A 208 2.35 5.67 -7.87
N VAL A 209 2.36 6.81 -7.22
CA VAL A 209 1.26 7.76 -7.28
C VAL A 209 1.79 9.02 -7.96
N LEU A 210 1.09 9.47 -9.01
CA LEU A 210 1.45 10.67 -9.74
C LEU A 210 0.47 11.80 -9.50
N LEU A 211 0.99 13.02 -9.42
CA LEU A 211 0.18 14.23 -9.50
C LEU A 211 0.32 14.77 -10.91
N THR A 212 -0.80 14.85 -11.64
CA THR A 212 -0.78 15.34 -13.02
C THR A 212 -1.71 16.54 -13.16
N ASP A 213 -1.59 17.25 -14.28
CA ASP A 213 -2.51 18.38 -14.50
C ASP A 213 -3.95 17.92 -14.66
N ASP A 214 -4.20 16.64 -14.88
CA ASP A 214 -5.56 16.11 -14.94
C ASP A 214 -5.87 15.21 -13.74
N GLY A 215 -5.25 15.48 -12.60
CA GLY A 215 -5.55 14.77 -11.38
C GLY A 215 -4.59 13.64 -11.09
N PRO A 216 -4.81 12.99 -9.95
CA PRO A 216 -3.94 11.87 -9.57
C PRO A 216 -4.03 10.70 -10.53
N ARG A 217 -2.90 10.00 -10.66
CA ARG A 217 -2.87 8.73 -11.39
C ARG A 217 -2.10 7.72 -10.55
N LEU A 218 -2.43 6.45 -10.76
CA LEU A 218 -1.79 5.34 -10.07
C LEU A 218 -1.06 4.48 -11.08
N LEU A 219 0.08 3.94 -10.66
CA LEU A 219 0.92 3.06 -11.45
C LEU A 219 1.18 1.77 -10.68
N ASP A 220 1.60 0.74 -11.41
CA ASP A 220 2.23 -0.45 -10.84
C ASP A 220 1.22 -1.29 -10.05
N PHE A 221 0.32 -1.92 -10.81
CA PHE A 221 -0.83 -2.66 -10.30
C PHE A 221 -0.56 -4.15 -10.10
N GLU A 222 0.71 -4.55 -9.98
CA GLU A 222 1.06 -5.96 -9.77
C GLU A 222 0.25 -6.64 -8.66
N TYR A 223 -0.02 -5.95 -7.57
CA TYR A 223 -0.62 -6.58 -6.39
C TYR A 223 -2.13 -6.33 -6.31
N THR A 224 -2.77 -6.04 -7.46
CA THR A 224 -4.21 -5.82 -7.47
C THR A 224 -4.95 -7.03 -6.92
N GLY A 225 -6.00 -6.77 -6.16
CA GLY A 225 -6.85 -7.88 -5.72
C GLY A 225 -8.15 -7.34 -5.16
N ALA A 226 -9.10 -8.24 -4.97
CA ALA A 226 -10.31 -7.88 -4.26
C ALA A 226 -10.05 -7.98 -2.77
N ARG A 227 -10.19 -6.86 -2.08
CA ARG A 227 -9.88 -6.74 -0.65
C ARG A 227 -10.82 -5.71 -0.05
N SER A 228 -10.78 -5.58 1.27
CA SER A 228 -11.43 -4.42 1.86
C SER A 228 -10.87 -3.12 1.29
N ALA A 229 -11.77 -2.19 0.99
CA ALA A 229 -11.34 -0.85 0.58
C ALA A 229 -10.27 -0.29 1.52
N LEU A 230 -10.38 -0.59 2.83
CA LEU A 230 -9.48 0.01 3.80
C LEU A 230 -8.07 -0.55 3.67
N TYR A 231 -7.88 -1.67 2.95
CA TYR A 231 -6.54 -2.19 2.75
C TYR A 231 -5.66 -1.16 2.05
N ASP A 232 -6.22 -0.46 1.04
CA ASP A 232 -5.46 0.55 0.34
C ASP A 232 -5.25 1.81 1.19
N VAL A 233 -6.19 2.11 2.10
CA VAL A 233 -6.07 3.26 3.00
C VAL A 233 -4.85 3.12 3.89
N MET A 234 -4.36 1.89 4.12
CA MET A 234 -3.14 1.74 4.89
C MET A 234 -1.97 2.50 4.29
N PHE A 235 -2.02 2.83 2.98
CA PHE A 235 -1.05 3.70 2.34
C PHE A 235 -0.64 4.87 3.24
N TRP A 236 -1.62 5.65 3.73
CA TRP A 236 -1.30 6.79 4.57
C TRP A 236 -1.61 6.58 6.04
N GLU A 237 -2.39 5.56 6.40
CA GLU A 237 -2.71 5.31 7.80
C GLU A 237 -1.66 4.49 8.51
N ALA A 238 -0.89 3.67 7.79
CA ALA A 238 0.01 2.72 8.43
C ALA A 238 1.31 2.45 7.68
N VAL A 239 1.40 2.78 6.40
CA VAL A 239 2.57 2.38 5.62
C VAL A 239 3.56 3.53 5.46
N VAL A 240 3.14 4.61 4.80
CA VAL A 240 3.99 5.79 4.68
C VAL A 240 3.82 6.63 5.96
N PRO A 241 4.91 7.07 6.59
CA PRO A 241 4.81 7.71 7.92
C PRO A 241 4.38 9.18 7.84
N PHE A 242 3.19 9.41 7.30
CA PHE A 242 2.63 10.76 7.33
C PHE A 242 2.35 11.17 8.77
N PRO A 243 2.62 12.42 9.14
CA PRO A 243 2.12 12.93 10.42
C PRO A 243 0.61 12.86 10.46
N ARG A 244 0.06 12.75 11.67
CA ARG A 244 -1.38 12.63 11.80
C ARG A 244 -2.09 13.89 11.31
N SER A 245 -1.40 15.04 11.34
CA SER A 245 -1.93 16.27 10.76
C SER A 245 -2.27 16.14 9.29
N LEU A 246 -1.69 15.17 8.59
CA LEU A 246 -2.05 14.88 7.20
C LEU A 246 -2.86 13.60 7.06
N ALA A 247 -2.51 12.56 7.84
CA ALA A 247 -3.24 11.30 7.71
C ALA A 247 -4.72 11.47 8.06
N ARG A 248 -5.01 12.28 9.09
CA ARG A 248 -6.41 12.45 9.48
C ARG A 248 -7.21 13.14 8.38
N PRO A 249 -6.80 14.29 7.83
CA PRO A 249 -7.62 14.86 6.74
C PRO A 249 -7.67 13.98 5.50
N MET A 250 -6.63 13.17 5.24
CA MET A 250 -6.73 12.24 4.12
C MET A 250 -7.82 11.20 4.36
N THR A 251 -7.86 10.61 5.54
CA THR A 251 -8.89 9.62 5.81
C THR A 251 -10.27 10.24 5.79
N GLN A 252 -10.40 11.49 6.24
CA GLN A 252 -11.71 12.13 6.20
C GLN A 252 -12.15 12.38 4.75
N ALA A 253 -11.23 12.87 3.89
CA ALA A 253 -11.58 13.11 2.50
C ALA A 253 -11.86 11.79 1.78
N TYR A 254 -11.04 10.77 2.04
CA TYR A 254 -11.28 9.45 1.50
C TYR A 254 -12.67 8.95 1.86
N ARG A 255 -13.04 9.07 3.14
CA ARG A 255 -14.33 8.56 3.59
C ARG A 255 -15.49 9.28 2.92
N ARG A 256 -15.40 10.61 2.78
CA ARG A 256 -16.48 11.33 2.09
C ARG A 256 -16.67 10.81 0.67
N ALA A 257 -15.56 10.58 -0.04
CA ALA A 257 -15.67 10.05 -1.39
C ALA A 257 -16.22 8.62 -1.39
N LEU A 258 -15.69 7.75 -0.52
CA LEU A 258 -16.18 6.36 -0.50
C LEU A 258 -17.66 6.32 -0.13
N ALA A 259 -18.06 7.07 0.89
CA ALA A 259 -19.43 7.07 1.37
C ALA A 259 -20.42 7.61 0.36
N SER A 260 -19.96 8.44 -0.59
CA SER A 260 -20.86 8.88 -1.65
C SER A 260 -21.35 7.69 -2.49
N HIS A 261 -20.54 6.62 -2.57
CA HIS A 261 -20.90 5.40 -3.28
C HIS A 261 -21.46 4.32 -2.39
N LEU A 262 -20.92 4.18 -1.18
CA LEU A 262 -21.07 2.99 -0.36
C LEU A 262 -21.81 3.33 0.93
N PRO A 263 -23.08 2.96 1.08
CA PRO A 263 -23.81 3.31 2.31
C PRO A 263 -23.12 2.84 3.59
N ALA A 264 -22.44 1.68 3.58
CA ALA A 264 -21.82 1.19 4.82
C ALA A 264 -20.77 2.14 5.36
N ALA A 265 -20.10 2.90 4.48
CA ALA A 265 -19.06 3.83 4.95
C ALA A 265 -19.66 5.04 5.65
N ARG A 266 -20.98 5.25 5.53
CA ARG A 266 -21.64 6.35 6.23
C ARG A 266 -21.82 6.06 7.72
N ASP A 267 -21.71 4.79 8.11
CA ASP A 267 -21.83 4.39 9.51
C ASP A 267 -20.52 4.56 10.25
N ASP A 268 -20.50 5.46 11.24
CA ASP A 268 -19.27 5.80 11.95
C ASP A 268 -18.61 4.56 12.57
N ALA A 269 -19.39 3.73 13.25
CA ALA A 269 -18.81 2.59 13.95
C ALA A 269 -18.32 1.54 12.96
N ARG A 270 -19.08 1.29 11.88
CA ARG A 270 -18.66 0.34 10.87
C ARG A 270 -17.37 0.78 10.17
N PHE A 271 -17.29 2.06 9.80
CA PHE A 271 -16.07 2.54 9.17
C PHE A 271 -14.89 2.45 10.14
N ARG A 272 -15.09 2.88 11.39
CA ARG A 272 -14.03 2.84 12.39
C ARG A 272 -13.55 1.41 12.61
N ARG A 273 -14.49 0.46 12.65
CA ARG A 273 -14.11 -0.94 12.83
C ARG A 273 -13.28 -1.44 11.66
N GLU A 274 -13.67 -1.08 10.44
CA GLU A 274 -12.92 -1.50 9.28
C GLU A 274 -11.52 -0.88 9.27
N LEU A 275 -11.44 0.42 9.60
CA LEU A 275 -10.14 1.06 9.69
C LEU A 275 -9.26 0.36 10.73
N LEU A 276 -9.83 0.04 11.89
CA LEU A 276 -9.06 -0.58 12.96
C LEU A 276 -8.62 -2.00 12.58
N THR A 277 -9.51 -2.76 11.94
CA THR A 277 -9.14 -4.10 11.50
C THR A 277 -7.91 -4.06 10.60
N LEU A 278 -7.95 -3.21 9.57
CA LEU A 278 -6.86 -3.21 8.61
C LEU A 278 -5.58 -2.66 9.21
N LYS A 279 -5.67 -1.69 10.13
CA LYS A 279 -4.47 -1.18 10.79
C LYS A 279 -3.84 -2.21 11.71
N THR A 280 -4.68 -2.99 12.40
CA THR A 280 -4.17 -4.02 13.29
C THR A 280 -3.50 -5.14 12.49
N HIS A 281 -4.15 -5.55 11.40
CA HIS A 281 -3.53 -6.50 10.49
C HIS A 281 -2.21 -5.97 9.97
N ARG A 282 -2.20 -4.71 9.52
CA ARG A 282 -0.98 -4.18 8.92
C ARG A 282 0.17 -4.18 9.92
N PHE A 283 -0.09 -3.74 11.15
CA PHE A 283 0.96 -3.67 12.14
C PHE A 283 1.61 -5.03 12.35
N PHE A 284 0.80 -6.04 12.63
CA PHE A 284 1.37 -7.34 12.99
C PHE A 284 1.93 -8.06 11.78
N TRP A 285 1.31 -7.88 10.60
CA TRP A 285 1.87 -8.48 9.41
C TRP A 285 3.24 -7.89 9.10
N TRP A 286 3.33 -6.55 9.07
CA TRP A 286 4.58 -5.93 8.65
C TRP A 286 5.65 -5.99 9.73
N LEU A 287 5.27 -6.29 10.97
CA LEU A 287 6.25 -6.55 12.01
C LEU A 287 7.15 -7.72 11.64
N THR A 288 6.60 -8.73 10.94
CA THR A 288 7.37 -9.92 10.64
C THR A 288 8.40 -9.69 9.54
N PHE A 289 8.28 -8.58 8.77
CA PHE A 289 9.15 -8.40 7.61
C PHE A 289 10.62 -8.24 8.01
N ARG A 290 10.91 -7.36 8.98
CA ARG A 290 12.29 -6.99 9.26
C ARG A 290 12.61 -6.84 10.75
N LEU A 291 11.71 -7.22 11.67
CA LEU A 291 11.99 -6.97 13.08
C LEU A 291 13.20 -7.76 13.56
N ASP A 292 13.33 -9.03 13.14
CA ASP A 292 14.51 -9.80 13.55
C ASP A 292 15.80 -9.08 13.15
N GLU A 293 15.83 -8.51 11.96
CA GLU A 293 16.99 -7.73 11.54
C GLU A 293 17.19 -6.52 12.45
N ALA A 294 16.11 -5.83 12.77
CA ALA A 294 16.19 -4.66 13.64
C ALA A 294 16.67 -5.03 15.03
N LEU A 295 16.25 -6.20 15.53
CA LEU A 295 16.70 -6.60 16.86
C LEU A 295 18.20 -6.81 16.86
N ALA A 296 18.75 -7.37 15.77
CA ALA A 296 20.18 -7.63 15.71
C ALA A 296 20.99 -6.34 15.64
N GLY A 297 20.43 -5.28 15.06
CA GLY A 297 20.96 -3.96 15.22
C GLY A 297 21.89 -3.48 14.14
N GLY A 298 22.24 -4.32 13.17
CA GLY A 298 23.07 -3.86 12.08
C GLY A 298 22.47 -2.68 11.36
N ASP A 299 23.33 -1.84 10.79
CA ASP A 299 22.86 -0.70 10.02
C ASP A 299 21.90 -1.19 8.94
N ALA A 300 20.72 -0.57 8.89
CA ALA A 300 19.71 -1.01 7.94
C ALA A 300 18.70 0.11 7.75
N HIS A 301 17.97 0.01 6.65
CA HIS A 301 16.91 0.95 6.34
C HIS A 301 15.64 0.20 6.03
N TRP A 302 14.51 0.81 6.41
CA TRP A 302 13.22 0.32 5.96
C TRP A 302 13.08 0.51 4.45
N VAL A 303 13.33 1.74 3.99
CA VAL A 303 13.50 2.14 2.59
C VAL A 303 14.66 3.14 2.60
N PRO A 304 15.27 3.47 1.47
CA PRO A 304 16.36 4.47 1.50
C PRO A 304 15.90 5.76 2.16
N GLY A 305 16.75 6.32 3.00
CA GLY A 305 16.42 7.54 3.71
C GLY A 305 15.66 7.36 5.01
N TRP A 306 15.32 6.13 5.40
CA TRP A 306 14.55 5.89 6.63
C TRP A 306 15.17 4.69 7.32
N ARG A 307 15.94 4.93 8.38
CA ARG A 307 16.62 3.86 9.09
C ARG A 307 15.63 2.92 9.75
N LEU A 308 16.04 1.66 9.89
CA LEU A 308 15.11 0.59 10.22
C LEU A 308 14.58 0.72 11.65
N ARG A 309 15.44 1.03 12.61
CA ARG A 309 14.94 1.13 13.99
C ARG A 309 14.03 2.32 14.16
N PRO A 310 14.38 3.54 13.71
CA PRO A 310 13.40 4.64 13.76
C PRO A 310 12.10 4.31 13.06
N ALA A 311 12.16 3.54 11.96
CA ALA A 311 10.95 3.19 11.24
C ALA A 311 10.05 2.28 12.06
N TYR A 312 10.61 1.22 12.67
CA TYR A 312 9.76 0.35 13.49
C TYR A 312 9.28 1.06 14.74
N LEU A 313 10.09 1.94 15.33
CA LEU A 313 9.60 2.70 16.48
C LEU A 313 8.47 3.63 16.06
N PHE A 314 8.56 4.21 14.86
CA PHE A 314 7.42 4.96 14.34
C PHE A 314 6.21 4.06 14.18
N TYR A 315 6.39 2.90 13.53
CA TYR A 315 5.26 2.02 13.29
C TYR A 315 4.61 1.58 14.60
N LEU A 316 5.42 1.27 15.61
CA LEU A 316 4.90 0.88 16.91
C LEU A 316 4.11 2.02 17.54
N GLN A 317 4.72 3.20 17.61
CA GLN A 317 4.04 4.33 18.24
C GLN A 317 2.79 4.72 17.48
N ASN A 318 2.86 4.72 16.15
CA ASN A 318 1.71 5.16 15.38
C ASN A 318 0.55 4.17 15.52
N TYR A 319 0.85 2.87 15.52
CA TYR A 319 -0.22 1.89 15.70
C TYR A 319 -0.85 2.03 17.08
N VAL A 320 -0.05 2.05 18.13
CA VAL A 320 -0.62 2.10 19.47
C VAL A 320 -1.47 3.36 19.63
N SER A 321 -0.92 4.50 19.22
CA SER A 321 -1.61 5.77 19.50
C SER A 321 -2.86 5.90 18.65
N THR A 322 -2.78 5.54 17.36
CA THR A 322 -3.97 5.71 16.54
C THR A 322 -5.00 4.63 16.81
N ALA A 323 -4.58 3.41 17.16
CA ALA A 323 -5.55 2.38 17.52
C ALA A 323 -6.29 2.75 18.79
N ARG A 324 -5.57 3.31 19.78
CA ARG A 324 -6.24 3.72 21.01
C ARG A 324 -7.29 4.78 20.72
N ARG A 325 -6.99 5.71 19.81
CA ARG A 325 -7.94 6.75 19.45
C ARG A 325 -9.19 6.17 18.81
N LEU A 326 -9.04 5.07 18.07
CA LEU A 326 -10.15 4.36 17.45
C LEU A 326 -10.88 3.45 18.43
N GLY A 327 -10.50 3.48 19.71
CA GLY A 327 -11.20 2.73 20.75
C GLY A 327 -10.64 1.36 21.05
N ALA A 328 -9.48 1.00 20.49
CA ALA A 328 -8.89 -0.29 20.78
C ALA A 328 -8.46 -0.36 22.23
N ARG A 329 -8.70 -1.50 22.87
CA ARG A 329 -8.32 -1.65 24.27
C ARG A 329 -8.17 -3.12 24.67
N GLY A 330 -7.83 -3.99 23.71
CA GLY A 330 -7.74 -5.39 23.99
C GLY A 330 -6.33 -5.96 23.94
N PRO A 331 -6.24 -7.29 23.94
CA PRO A 331 -4.92 -7.95 23.98
C PRO A 331 -3.99 -7.59 22.83
N LEU A 332 -4.49 -7.33 21.62
CA LEU A 332 -3.57 -7.02 20.55
C LEU A 332 -2.91 -5.68 20.79
N LEU A 333 -3.69 -4.69 21.22
CA LEU A 333 -3.12 -3.39 21.57
C LEU A 333 -2.15 -3.51 22.73
N LYS A 334 -2.55 -4.25 23.78
CA LYS A 334 -1.70 -4.40 24.96
C LYS A 334 -0.40 -5.11 24.60
N THR A 335 -0.46 -6.06 23.67
CA THR A 335 0.78 -6.73 23.28
C THR A 335 1.71 -5.79 22.52
N ALA A 336 1.14 -4.98 21.61
CA ALA A 336 1.94 -3.97 20.91
C ALA A 336 2.52 -2.95 21.89
N GLN A 337 1.75 -2.57 22.91
CA GLN A 337 2.27 -1.66 23.92
C GLN A 337 3.46 -2.27 24.65
N ALA A 338 3.36 -3.56 24.98
CA ALA A 338 4.47 -4.20 25.69
C ALA A 338 5.71 -4.28 24.83
N LEU A 339 5.55 -4.58 23.53
CA LEU A 339 6.70 -4.59 22.64
C LEU A 339 7.30 -3.20 22.49
N SER A 340 6.43 -2.19 22.35
CA SER A 340 6.92 -0.82 22.23
C SER A 340 7.79 -0.43 23.42
N SER A 341 7.32 -0.74 24.64
CA SER A 341 8.08 -0.36 25.83
CA SER A 341 8.08 -0.37 25.84
C SER A 341 9.43 -1.08 25.89
N ARG A 342 9.45 -2.36 25.49
CA ARG A 342 10.71 -3.09 25.47
C ARG A 342 11.69 -2.48 24.48
N LEU A 343 11.25 -2.23 23.24
CA LEU A 343 12.18 -1.82 22.21
C LEU A 343 12.62 -0.37 22.41
N ARG A 344 11.74 0.48 22.95
CA ARG A 344 12.14 1.83 23.31
C ARG A 344 13.25 1.81 24.35
N ARG A 345 13.17 0.93 25.35
CA ARG A 345 14.25 0.85 26.33
C ARG A 345 15.50 0.26 25.70
N GLY A 346 15.35 -0.81 24.92
CA GLY A 346 16.51 -1.51 24.40
C GLY A 346 17.24 -0.80 23.29
N TRP A 347 16.53 -0.05 22.45
CA TRP A 347 17.15 0.65 21.32
C TRP A 347 17.47 2.08 21.72
N LYS A 348 18.66 2.55 21.38
CA LYS A 348 19.00 3.93 21.69
C LYS A 348 18.33 4.89 20.73
N GLU A 349 17.89 4.36 19.59
CA GLU A 349 17.20 5.12 18.55
C GLU A 349 15.81 5.58 19.02
N ARG A 350 15.28 6.60 18.34
CA ARG A 350 13.96 7.12 18.61
C ARG A 350 13.13 7.04 17.34
N ALA A 351 11.80 7.01 17.51
CA ALA A 351 10.93 7.09 16.33
C ALA A 351 11.25 8.36 15.55
N GLY A 352 11.25 8.23 14.23
CA GLY A 352 11.57 9.39 13.42
C GLY A 352 10.97 9.22 12.05
N TYR A 353 11.03 10.28 11.29
CA TYR A 353 10.53 10.36 9.94
C TYR A 353 11.67 10.16 8.95
N PRO A 354 11.37 9.83 7.69
CA PRO A 354 12.43 9.72 6.69
C PRO A 354 13.13 11.05 6.46
N ASP A 355 14.35 10.96 5.94
CA ASP A 355 15.02 12.16 5.46
C ASP A 355 14.25 12.73 4.28
N HIS A 356 14.38 14.04 4.08
CA HIS A 356 13.87 14.72 2.88
C HIS A 356 12.38 14.43 2.68
N PHE A 357 11.59 14.73 3.71
CA PHE A 357 10.21 14.27 3.77
C PHE A 357 9.43 15.34 4.52
N LEU A 358 8.74 16.21 3.79
CA LEU A 358 7.90 17.27 4.36
C LEU A 358 8.70 18.19 5.28
N GLY A 359 9.94 18.49 4.90
CA GLY A 359 10.71 19.49 5.64
C GLY A 359 11.11 19.00 7.02
N LYS A 360 11.19 19.94 7.95
CA LYS A 360 11.62 19.65 9.33
C LYS A 360 10.38 19.35 10.16
N LEU A 361 10.06 18.07 10.29
CA LEU A 361 8.91 17.65 11.07
C LEU A 361 9.25 17.58 12.55
N LYS A 362 8.31 18.00 13.40
CA LYS A 362 8.45 17.76 14.82
C LYS A 362 8.56 16.25 15.05
N PRO A 363 9.50 15.79 15.86
CA PRO A 363 9.65 14.36 16.10
C PRO A 363 8.33 13.73 16.50
N PRO A 364 8.05 12.50 16.04
CA PRO A 364 6.76 11.88 16.32
C PRO A 364 6.61 11.46 17.78
N GLY B 5 8.29 -0.86 1.13
CA GLY B 5 8.66 -1.86 2.09
C GLY B 5 8.89 -3.20 1.43
N SER B 7 9.42 -7.62 2.22
CA SER B 7 9.32 -8.66 3.21
C SER B 7 10.55 -9.54 3.01
N LEU B 9 11.16 -12.34 2.37
CA LEU B 9 10.44 -13.53 1.93
C LEU B 9 11.03 -14.81 2.50
N SER B 10 12.33 -15.30 2.05
CA SER B 10 12.86 -16.52 2.65
C SER B 10 14.13 -16.16 3.41
#